data_8AS5
#
_entry.id   8AS5
#
_cell.length_a   1.00
_cell.length_b   1.00
_cell.length_c   1.00
_cell.angle_alpha   90.00
_cell.angle_beta   90.00
_cell.angle_gamma   90.00
#
_symmetry.space_group_name_H-M   'P 1'
#
_entity_poly.entity_id   1
_entity_poly.type   'polypeptide(L)'
_entity_poly.pdbx_seq_one_letter_code
;SMEDSMDMDMSPLRPQNYLFGCELKADKDYHFKVDNDENEHQLSLRTVSLGAGAKDELHIVEAEAMNYEGSPIKVTLATL
KMSVQPTVSLGGFEITPPVVLRLKCGSGPVHISGQHLVAVEEDAESEDEEEEDVKLLSISGKRSAPGGGSKVPQKKVKLA
ADEDDDDDDEEDDDEDDDDDDFDDEEAEEKAPVKKSIRDTPAKNAQKSNQNGKDSKPSSTPRSKGQESFKKQEKTPKTPK
GPSSVEDIKAKMQASIEKGGSLPKVEAKFINYVKNCFRMTDQEAIQDLWQWRKSL
;
_entity_poly.pdbx_strand_id   A,B,C,D,E
#
# COMPACT_ATOMS: atom_id res chain seq x y z
N GLN A 16 -19.91 7.98 -9.02
CA GLN A 16 -19.22 8.81 -10.04
C GLN A 16 -17.89 9.31 -9.46
N ASN A 17 -16.82 9.11 -10.25
CA ASN A 17 -15.47 9.42 -9.82
C ASN A 17 -14.91 10.54 -10.69
N TYR A 18 -14.24 11.50 -10.03
CA TYR A 18 -13.60 12.61 -10.71
C TYR A 18 -12.20 12.77 -10.13
N LEU A 19 -11.28 13.28 -10.97
CA LEU A 19 -9.89 13.42 -10.56
C LEU A 19 -9.77 14.76 -9.84
N PHE A 20 -9.08 14.77 -8.69
CA PHE A 20 -8.96 15.97 -7.88
C PHE A 20 -7.53 16.12 -7.39
N GLY A 21 -7.07 17.37 -7.34
CA GLY A 21 -5.76 17.66 -6.82
C GLY A 21 -5.63 19.10 -6.33
N CYS A 22 -4.56 19.32 -5.58
CA CYS A 22 -4.26 20.63 -5.03
C CYS A 22 -2.78 20.70 -4.69
N GLU A 23 -2.30 21.93 -4.46
CA GLU A 23 -0.92 22.16 -4.06
C GLU A 23 -0.90 22.85 -2.69
N LEU A 24 -0.12 22.28 -1.77
CA LEU A 24 0.12 22.88 -0.47
C LEU A 24 1.54 23.42 -0.34
N LYS A 28 0.14 28.40 3.36
CA LYS A 28 -0.82 28.16 2.25
C LYS A 28 -1.79 27.05 2.65
N ASP A 29 -3.09 27.37 2.54
CA ASP A 29 -4.16 26.44 2.87
C ASP A 29 -5.02 26.14 1.65
N TYR A 30 -5.80 25.07 1.75
CA TYR A 30 -6.73 24.70 0.69
C TYR A 30 -8.03 24.25 1.34
N HIS A 31 -9.13 24.94 1.05
CA HIS A 31 -10.41 24.63 1.62
C HIS A 31 -11.28 23.97 0.57
N PHE A 32 -11.56 22.67 0.77
CA PHE A 32 -12.38 21.92 -0.16
C PHE A 32 -13.81 21.86 0.37
N LYS A 33 -14.71 22.57 -0.32
CA LYS A 33 -16.12 22.61 0.03
C LYS A 33 -16.94 22.45 -1.24
N VAL A 34 -17.92 21.54 -1.22
CA VAL A 34 -18.76 21.30 -2.39
C VAL A 34 -20.20 21.19 -1.89
N ASP A 35 -21.11 21.90 -2.57
CA ASP A 35 -22.54 21.79 -2.27
C ASP A 35 -23.32 21.41 -3.53
N HIS A 41 -21.22 13.82 -1.10
CA HIS A 41 -19.86 13.99 -1.69
C HIS A 41 -18.81 13.43 -0.73
N GLN A 42 -17.70 12.98 -1.31
CA GLN A 42 -16.62 12.37 -0.56
C GLN A 42 -15.31 12.73 -1.25
N LEU A 43 -14.27 13.01 -0.45
CA LEU A 43 -12.94 13.29 -0.97
C LEU A 43 -12.01 12.14 -0.57
N SER A 44 -11.51 11.43 -1.58
CA SER A 44 -10.71 10.24 -1.42
C SER A 44 -9.26 10.56 -1.76
N LEU A 45 -8.50 10.96 -0.73
CA LEU A 45 -7.08 11.21 -0.91
C LEU A 45 -6.39 9.92 -1.33
N ARG A 46 -5.48 10.05 -2.30
CA ARG A 46 -4.73 8.91 -2.82
C ARG A 46 -3.24 9.09 -2.57
N THR A 47 -2.67 10.21 -3.00
CA THR A 47 -1.22 10.36 -2.98
C THR A 47 -0.83 11.76 -2.49
N VAL A 48 0.31 11.81 -1.79
CA VAL A 48 0.96 13.05 -1.42
C VAL A 48 2.38 13.00 -1.92
N SER A 49 2.78 13.99 -2.73
CA SER A 49 4.08 14.01 -3.36
C SER A 49 4.79 15.34 -3.08
N LEU A 50 6.12 15.32 -3.15
CA LEU A 50 6.94 16.50 -3.01
C LEU A 50 7.25 17.07 -4.40
N GLY A 51 7.32 18.40 -4.48
CA GLY A 51 7.62 19.09 -5.73
C GLY A 51 9.09 19.05 -6.09
N LEU A 58 11.97 18.71 5.49
CA LEU A 58 10.91 17.98 6.25
C LEU A 58 9.57 18.69 6.07
N HIS A 59 8.58 17.95 5.60
CA HIS A 59 7.26 18.47 5.32
C HIS A 59 6.21 17.56 5.97
N ILE A 60 5.13 18.18 6.44
CA ILE A 60 4.01 17.48 7.04
C ILE A 60 2.74 18.02 6.44
N VAL A 61 1.85 17.12 6.01
CA VAL A 61 0.54 17.50 5.52
C VAL A 61 -0.50 17.30 6.60
N GLU A 62 -1.26 18.35 6.87
CA GLU A 62 -2.22 18.36 7.98
C GLU A 62 -3.62 18.55 7.42
N ALA A 63 -4.58 17.80 7.99
CA ALA A 63 -5.96 17.81 7.54
C ALA A 63 -6.87 18.20 8.71
N GLU A 64 -7.85 19.06 8.42
CA GLU A 64 -8.87 19.47 9.36
C GLU A 64 -10.24 19.08 8.83
N ALA A 65 -10.97 18.33 9.64
CA ALA A 65 -12.36 18.01 9.39
C ALA A 65 -13.02 17.65 10.71
N MET A 66 -14.30 17.29 10.63
CA MET A 66 -15.10 17.06 11.83
C MET A 66 -14.76 15.70 12.44
N ASN A 67 -14.84 15.63 13.76
CA ASN A 67 -14.68 14.38 14.50
C ASN A 67 -16.06 13.82 14.86
N TYR A 68 -16.11 12.75 15.66
CA TYR A 68 -17.40 12.21 16.05
C TYR A 68 -18.11 13.13 17.05
N GLU A 69 -17.33 13.76 17.93
CA GLU A 69 -17.87 14.58 19.01
C GLU A 69 -18.22 16.00 18.56
N GLY A 70 -18.19 16.26 17.25
CA GLY A 70 -18.58 17.54 16.68
C GLY A 70 -17.54 18.64 16.93
N SER A 71 -16.27 18.25 17.03
CA SER A 71 -15.17 19.19 17.15
C SER A 71 -14.15 18.97 16.05
N PRO A 72 -13.56 20.04 15.49
CA PRO A 72 -12.49 19.87 14.50
C PRO A 72 -11.27 19.23 15.14
N ILE A 73 -10.51 18.48 14.33
CA ILE A 73 -9.30 17.82 14.79
C ILE A 73 -8.15 18.05 13.81
N LYS A 74 -6.94 18.26 14.35
CA LYS A 74 -5.73 18.36 13.54
C LYS A 74 -4.97 17.02 13.48
N VAL A 75 -4.81 16.51 12.25
CA VAL A 75 -4.12 15.24 12.04
C VAL A 75 -3.10 15.39 10.92
N THR A 76 -2.01 14.65 11.07
CA THR A 76 -0.95 14.61 10.07
C THR A 76 -1.27 13.52 9.06
N LEU A 77 -1.59 13.94 7.83
CA LEU A 77 -1.91 13.01 6.76
C LEU A 77 -0.66 12.21 6.39
N ALA A 78 0.49 12.90 6.29
CA ALA A 78 1.74 12.23 5.98
C ALA A 78 2.91 13.14 6.30
N THR A 79 4.06 12.50 6.54
CA THR A 79 5.31 13.20 6.75
C THR A 79 6.29 12.78 5.65
N LEU A 80 6.78 13.77 4.89
CA LEU A 80 7.64 13.53 3.75
C LEU A 80 8.99 14.23 3.94
N LYS A 81 10.00 13.68 3.29
CA LYS A 81 11.30 14.33 3.21
C LYS A 81 11.95 13.97 1.88
N MET A 82 12.61 14.93 1.24
CA MET A 82 13.06 14.75 -0.14
C MET A 82 13.99 13.55 -0.26
N SER A 83 14.96 13.42 0.65
CA SER A 83 16.07 12.49 0.49
C SER A 83 15.77 11.08 1.03
N VAL A 84 14.61 10.87 1.68
CA VAL A 84 14.32 9.58 2.28
C VAL A 84 13.02 9.01 1.70
N GLN A 85 11.95 9.80 1.54
CA GLN A 85 10.95 9.46 0.53
C GLN A 85 10.08 10.68 0.28
N PRO A 86 9.93 11.13 -0.99
CA PRO A 86 9.06 12.24 -1.30
C PRO A 86 7.60 11.91 -1.64
N THR A 87 7.20 10.63 -1.57
CA THR A 87 5.85 10.23 -1.94
C THR A 87 5.27 9.32 -0.87
N VAL A 88 3.95 9.47 -0.62
CA VAL A 88 3.20 8.59 0.26
C VAL A 88 1.86 8.28 -0.41
N SER A 89 1.44 7.03 -0.34
CA SER A 89 0.15 6.60 -0.88
C SER A 89 -0.85 6.42 0.26
N LEU A 90 -1.96 7.14 0.20
CA LEU A 90 -2.99 7.14 1.23
C LEU A 90 -3.94 5.96 1.05
N GLY A 91 -3.94 5.34 -0.13
CA GLY A 91 -4.76 4.18 -0.40
C GLY A 91 -6.25 4.46 -0.27
N GLY A 92 -6.67 5.71 -0.49
CA GLY A 92 -8.08 6.03 -0.54
C GLY A 92 -8.65 6.51 0.79
N PHE A 93 -7.92 7.45 1.40
CA PHE A 93 -8.35 8.06 2.65
C PHE A 93 -9.61 8.88 2.40
N GLU A 94 -10.76 8.36 2.87
CA GLU A 94 -12.04 9.01 2.65
C GLU A 94 -12.26 10.08 3.72
N ILE A 95 -12.74 11.26 3.26
CA ILE A 95 -13.11 12.35 4.15
C ILE A 95 -14.42 12.94 3.64
N THR A 96 -15.30 13.31 4.58
CA THR A 96 -16.54 13.98 4.22
C THR A 96 -16.31 15.48 4.18
N PRO A 97 -16.66 16.18 3.08
CA PRO A 97 -16.45 17.62 3.03
C PRO A 97 -17.44 18.33 3.96
N PRO A 98 -17.14 19.56 4.41
CA PRO A 98 -15.96 20.32 4.01
C PRO A 98 -14.68 19.87 4.70
N VAL A 99 -13.53 20.07 4.04
CA VAL A 99 -12.25 19.73 4.63
C VAL A 99 -11.27 20.86 4.38
N VAL A 100 -10.22 20.91 5.18
CA VAL A 100 -9.15 21.88 5.03
C VAL A 100 -7.82 21.14 5.03
N LEU A 101 -6.96 21.46 4.07
CA LEU A 101 -5.61 20.92 3.99
C LEU A 101 -4.61 22.06 4.22
N ARG A 102 -3.52 21.76 4.91
CA ARG A 102 -2.46 22.74 5.12
C ARG A 102 -1.12 22.02 5.27
N LEU A 103 -0.05 22.83 5.31
CA LEU A 103 1.29 22.33 5.51
C LEU A 103 1.77 22.73 6.91
N LYS A 104 1.93 21.72 7.78
CA LYS A 104 2.35 21.97 9.16
C LYS A 104 3.76 22.55 9.17
N CYS A 105 4.65 21.96 8.37
CA CYS A 105 6.05 22.38 8.36
C CYS A 105 6.58 22.28 6.94
N GLY A 106 7.68 23.02 6.69
CA GLY A 106 8.33 23.02 5.39
C GLY A 106 7.96 24.23 4.54
N PRO A 109 7.12 23.08 -2.47
CA PRO A 109 5.68 22.78 -2.55
C PRO A 109 5.41 21.28 -2.61
N VAL A 110 4.20 20.88 -2.21
CA VAL A 110 3.77 19.50 -2.24
C VAL A 110 2.42 19.43 -2.95
N HIS A 111 2.14 18.26 -3.51
CA HIS A 111 0.96 18.02 -4.32
C HIS A 111 0.13 16.90 -3.68
N ILE A 112 -1.16 17.18 -3.48
CA ILE A 112 -2.12 16.20 -2.98
C ILE A 112 -3.05 15.85 -4.13
N SER A 113 -3.22 14.54 -4.38
CA SER A 113 -4.02 14.03 -5.47
C SER A 113 -4.95 12.94 -4.97
N GLY A 114 -6.14 12.85 -5.54
CA GLY A 114 -7.14 11.92 -5.04
C GLY A 114 -8.38 11.94 -5.91
N GLN A 115 -9.46 11.38 -5.37
CA GLN A 115 -10.70 11.22 -6.10
C GLN A 115 -11.81 12.00 -5.40
N HIS A 116 -12.63 12.68 -6.20
CA HIS A 116 -13.91 13.22 -5.77
C HIS A 116 -15.00 12.22 -6.13
N LEU A 117 -15.78 11.82 -5.13
CA LEU A 117 -16.85 10.86 -5.33
C LEU A 117 -18.18 11.51 -5.00
N VAL A 118 -19.18 11.25 -5.86
CA VAL A 118 -20.52 11.79 -5.67
C VAL A 118 -21.52 10.65 -5.39
N PRO B 15 -21.62 3.17 5.61
CA PRO B 15 -21.94 4.00 6.77
C PRO B 15 -21.15 5.31 6.77
N GLN B 16 -21.22 6.03 7.89
CA GLN B 16 -20.60 7.35 7.99
C GLN B 16 -19.13 7.22 8.37
N ASN B 17 -18.31 8.12 7.82
CA ASN B 17 -16.88 8.17 8.07
C ASN B 17 -16.53 9.56 8.59
N TYR B 18 -15.65 9.61 9.59
CA TYR B 18 -15.15 10.86 10.15
C TYR B 18 -13.63 10.80 10.23
N LEU B 19 -13.02 11.98 10.24
CA LEU B 19 -11.56 12.09 10.39
C LEU B 19 -11.18 11.77 11.83
N PHE B 20 -10.02 11.14 11.99
CA PHE B 20 -9.57 10.71 13.30
C PHE B 20 -8.05 10.86 13.36
N GLY B 21 -7.54 11.24 14.53
CA GLY B 21 -6.11 11.33 14.70
C GLY B 21 -5.71 11.55 16.15
N CYS B 22 -4.45 11.26 16.44
CA CYS B 22 -3.93 11.37 17.79
C CYS B 22 -2.41 11.57 17.73
N GLU B 23 -1.87 12.03 18.86
CA GLU B 23 -0.43 12.19 19.02
C GLU B 23 0.02 11.25 20.14
N LEU B 24 0.91 10.31 19.79
CA LEU B 24 1.44 9.35 20.74
C LEU B 24 2.78 9.88 21.24
N LYS B 25 2.88 9.92 22.57
CA LYS B 25 4.07 10.37 23.27
C LYS B 25 4.75 9.16 23.89
N ALA B 26 6.08 9.26 24.07
CA ALA B 26 6.87 8.17 24.63
C ALA B 26 6.36 7.76 26.01
N ASP B 27 5.90 8.73 26.81
CA ASP B 27 5.47 8.45 28.17
C ASP B 27 3.96 8.19 28.26
N LYS B 28 3.18 8.84 27.37
CA LYS B 28 1.73 8.79 27.46
C LYS B 28 1.17 8.06 26.25
N ASP B 29 0.33 7.06 26.50
CA ASP B 29 -0.35 6.31 25.45
C ASP B 29 -1.74 6.88 25.23
N TYR B 30 -2.38 6.44 24.14
CA TYR B 30 -3.71 6.91 23.78
C TYR B 30 -4.71 5.74 23.89
N HIS B 31 -5.90 6.07 24.40
CA HIS B 31 -6.97 5.12 24.60
C HIS B 31 -8.18 5.55 23.76
N PHE B 32 -8.82 4.58 23.12
CA PHE B 32 -10.01 4.84 22.32
C PHE B 32 -11.14 3.95 22.83
N LYS B 33 -12.22 4.60 23.29
CA LYS B 33 -13.42 3.91 23.76
C LYS B 33 -14.64 4.59 23.18
N VAL B 34 -15.79 3.91 23.28
CA VAL B 34 -17.08 4.48 22.94
C VAL B 34 -18.07 4.19 24.07
N ASN B 39 -25.04 2.51 16.10
CA ASN B 39 -24.00 3.02 17.03
C ASN B 39 -22.86 1.99 17.14
N GLU B 40 -22.50 1.41 15.99
CA GLU B 40 -21.38 0.48 15.93
C GLU B 40 -20.18 1.21 15.31
N HIS B 41 -19.03 1.15 16.01
CA HIS B 41 -17.90 1.99 15.69
C HIS B 41 -16.65 1.16 15.35
N GLN B 42 -15.93 1.57 14.31
CA GLN B 42 -14.67 0.98 13.93
C GLN B 42 -13.60 2.08 13.87
N LEU B 43 -12.33 1.69 13.99
CA LEU B 43 -11.20 2.58 13.80
C LEU B 43 -10.37 2.05 12.63
N SER B 44 -10.39 2.79 11.52
CA SER B 44 -9.66 2.42 10.31
C SER B 44 -8.37 3.24 10.22
N LEU B 45 -7.34 2.78 10.93
CA LEU B 45 -6.04 3.45 10.95
C LEU B 45 -5.51 3.52 9.53
N ARG B 46 -4.99 4.71 9.16
CA ARG B 46 -4.49 4.94 7.81
C ARG B 46 -2.97 5.12 7.80
N THR B 47 -2.47 6.06 8.58
CA THR B 47 -1.06 6.42 8.50
C THR B 47 -0.49 6.66 9.88
N VAL B 48 0.79 6.30 10.04
CA VAL B 48 1.59 6.64 11.19
C VAL B 48 2.82 7.38 10.70
N SER B 49 3.15 8.49 11.35
CA SER B 49 4.18 9.40 10.87
C SER B 49 5.00 9.91 12.04
N LEU B 50 6.20 10.43 11.74
CA LEU B 50 7.08 11.01 12.74
C LEU B 50 6.82 12.51 12.86
N GLY B 51 6.93 13.02 14.09
CA GLY B 51 6.79 14.43 14.36
C GLY B 51 8.10 15.18 14.11
N ALA B 52 8.06 16.51 14.26
CA ALA B 52 9.26 17.33 14.15
C ALA B 52 10.02 17.39 15.47
N GLU B 57 15.21 8.72 16.15
CA GLU B 57 15.68 7.38 16.60
C GLU B 57 14.67 6.31 16.19
N LEU B 58 14.88 5.08 16.66
CA LEU B 58 14.02 3.96 16.31
C LEU B 58 12.72 4.07 17.10
N HIS B 59 11.60 4.18 16.39
CA HIS B 59 10.29 4.26 17.01
C HIS B 59 9.43 3.07 16.58
N ILE B 60 8.62 2.55 17.49
CA ILE B 60 7.71 1.45 17.20
C ILE B 60 6.35 1.81 17.77
N VAL B 61 5.30 1.65 16.96
CA VAL B 61 3.93 1.85 17.40
C VAL B 61 3.28 0.49 17.67
N GLU B 62 2.49 0.46 18.74
CA GLU B 62 1.82 -0.75 19.18
C GLU B 62 0.33 -0.46 19.38
N ALA B 63 -0.52 -1.37 18.94
CA ALA B 63 -1.97 -1.27 19.14
C ALA B 63 -2.47 -2.56 19.77
N GLU B 64 -3.25 -2.43 20.85
CA GLU B 64 -3.75 -3.55 21.60
C GLU B 64 -5.27 -3.49 21.67
N ALA B 65 -5.90 -4.65 21.48
CA ALA B 65 -7.34 -4.80 21.60
C ALA B 65 -7.66 -6.29 21.78
N MET B 66 -8.95 -6.63 21.71
CA MET B 66 -9.40 -7.99 21.88
C MET B 66 -9.00 -8.89 20.71
N ASN B 67 -8.76 -10.17 21.01
CA ASN B 67 -8.39 -11.16 20.00
C ASN B 67 -9.52 -12.20 19.92
N TYR B 68 -9.33 -13.21 19.08
CA TYR B 68 -10.38 -14.19 18.84
C TYR B 68 -10.59 -15.13 20.03
N GLU B 69 -9.62 -15.21 20.96
CA GLU B 69 -9.80 -15.99 22.18
C GLU B 69 -10.35 -15.13 23.32
N GLY B 70 -10.64 -13.84 23.07
CA GLY B 70 -11.22 -12.98 24.09
C GLY B 70 -10.19 -12.47 25.09
N SER B 71 -8.92 -12.38 24.66
CA SER B 71 -7.86 -11.82 25.50
C SER B 71 -7.15 -10.70 24.75
N PRO B 72 -6.73 -9.62 25.44
CA PRO B 72 -5.96 -8.57 24.80
C PRO B 72 -4.63 -9.10 24.26
N ILE B 73 -4.20 -8.54 23.12
CA ILE B 73 -2.92 -8.84 22.53
C ILE B 73 -2.20 -7.54 22.18
N LYS B 74 -0.87 -7.64 22.08
CA LYS B 74 -0.03 -6.54 21.64
C LYS B 74 0.46 -6.82 20.23
N VAL B 75 0.20 -5.88 19.31
CA VAL B 75 0.67 -6.00 17.93
C VAL B 75 1.34 -4.70 17.53
N THR B 76 2.39 -4.80 16.73
CA THR B 76 3.17 -3.65 16.31
C THR B 76 2.57 -3.09 15.02
N LEU B 77 1.99 -1.88 15.09
CA LEU B 77 1.39 -1.27 13.91
C LEU B 77 2.47 -0.95 12.88
N ALA B 78 3.60 -0.39 13.31
CA ALA B 78 4.69 -0.09 12.40
C ALA B 78 5.96 0.24 13.15
N THR B 79 7.08 0.24 12.43
CA THR B 79 8.37 0.65 12.95
C THR B 79 8.93 1.74 12.04
N LEU B 80 9.25 2.91 12.62
CA LEU B 80 9.64 4.09 11.87
C LEU B 80 11.01 4.57 12.34
N LYS B 81 11.74 5.21 11.44
CA LYS B 81 13.02 5.83 11.74
C LYS B 81 13.20 7.07 10.87
N MET B 82 13.77 8.13 11.44
CA MET B 82 13.83 9.40 10.75
C MET B 82 14.65 9.28 9.47
N SER B 83 15.84 8.68 9.56
CA SER B 83 16.79 8.66 8.45
C SER B 83 16.49 7.59 7.40
N VAL B 84 15.49 6.73 7.62
CA VAL B 84 15.20 5.64 6.70
C VAL B 84 13.82 5.84 6.07
N GLN B 85 12.78 5.94 6.90
CA GLN B 85 11.45 6.27 6.43
C GLN B 85 10.61 6.68 7.63
N PRO B 86 10.12 7.93 7.66
CA PRO B 86 9.38 8.45 8.79
C PRO B 86 7.87 8.26 8.77
N THR B 87 7.31 7.62 7.74
CA THR B 87 5.88 7.40 7.69
C THR B 87 5.62 6.08 6.97
N VAL B 88 4.54 5.40 7.37
CA VAL B 88 4.05 4.22 6.66
C VAL B 88 2.53 4.25 6.69
N SER B 89 1.90 3.90 5.57
CA SER B 89 0.46 3.88 5.43
C SER B 89 -0.07 2.45 5.50
N LEU B 90 -1.10 2.20 6.32
CA LEU B 90 -1.63 0.86 6.52
C LEU B 90 -2.84 0.62 5.63
N GLY B 91 -3.44 1.67 5.07
CA GLY B 91 -4.45 1.51 4.04
C GLY B 91 -5.72 0.81 4.55
N GLY B 92 -6.18 1.24 5.73
CA GLY B 92 -7.48 0.81 6.22
C GLY B 92 -7.36 -0.32 7.23
N PHE B 93 -6.43 -0.17 8.18
CA PHE B 93 -6.26 -1.15 9.24
C PHE B 93 -7.44 -1.04 10.21
N GLU B 94 -8.41 -1.94 10.08
CA GLU B 94 -9.66 -1.81 10.82
C GLU B 94 -9.50 -2.50 12.17
N ILE B 95 -9.91 -1.80 13.25
CA ILE B 95 -9.84 -2.31 14.61
C ILE B 95 -11.16 -1.99 15.31
N THR B 96 -11.66 -2.96 16.07
CA THR B 96 -12.89 -2.77 16.81
C THR B 96 -12.56 -2.19 18.18
N PRO B 97 -13.20 -1.07 18.60
CA PRO B 97 -12.88 -0.46 19.88
C PRO B 97 -13.37 -1.34 21.03
N PRO B 98 -12.83 -1.18 22.25
CA PRO B 98 -11.78 -0.18 22.55
C PRO B 98 -10.40 -0.60 22.06
N VAL B 99 -9.54 0.39 21.78
CA VAL B 99 -8.20 0.13 21.29
C VAL B 99 -7.22 1.03 22.03
N VAL B 100 -6.04 0.50 22.35
CA VAL B 100 -5.02 1.28 23.00
C VAL B 100 -3.79 1.34 22.10
N LEU B 101 -3.35 2.55 21.80
CA LEU B 101 -2.13 2.76 21.02
C LEU B 101 -1.04 3.30 21.93
N ARG B 102 0.19 2.85 21.70
CA ARG B 102 1.30 3.18 22.56
C ARG B 102 2.60 3.10 21.78
N LEU B 103 3.57 3.94 22.15
CA LEU B 103 4.90 3.86 21.59
C LEU B 103 5.73 2.88 22.42
N LYS B 104 6.04 1.73 21.80
CA LYS B 104 6.83 0.72 22.48
C LYS B 104 8.25 1.24 22.74
N CYS B 105 8.83 1.95 21.77
CA CYS B 105 10.12 2.59 21.92
C CYS B 105 10.13 3.93 21.20
N GLY B 106 11.24 4.67 21.35
CA GLY B 106 11.39 5.95 20.69
C GLY B 106 10.80 7.10 21.51
N SER B 107 11.45 8.25 21.41
CA SER B 107 11.05 9.43 22.17
C SER B 107 9.76 10.03 21.60
N GLY B 108 9.54 9.87 20.30
CA GLY B 108 8.40 10.48 19.64
C GLY B 108 8.68 11.95 19.34
N PRO B 109 7.65 12.78 19.07
CA PRO B 109 6.24 12.37 19.05
C PRO B 109 5.87 11.65 17.76
N VAL B 110 4.76 10.88 17.79
CA VAL B 110 4.31 10.14 16.62
C VAL B 110 2.86 10.50 16.33
N HIS B 111 2.55 10.80 15.06
CA HIS B 111 1.20 11.17 14.68
C HIS B 111 0.50 9.97 14.05
N ILE B 112 -0.70 9.66 14.56
CA ILE B 112 -1.58 8.67 13.99
C ILE B 112 -2.75 9.39 13.34
N SER B 113 -3.08 8.98 12.11
CA SER B 113 -4.20 9.54 11.35
C SER B 113 -4.99 8.39 10.75
N GLY B 114 -6.29 8.58 10.59
CA GLY B 114 -7.14 7.50 10.11
C GLY B 114 -8.60 7.89 10.07
N GLN B 115 -9.45 6.89 9.94
CA GLN B 115 -10.88 7.10 9.83
C GLN B 115 -11.58 6.49 11.04
N HIS B 116 -12.62 7.19 11.52
CA HIS B 116 -13.55 6.65 12.49
C HIS B 116 -14.86 6.35 11.77
N LEU B 117 -15.23 5.08 11.69
CA LEU B 117 -16.42 4.68 10.95
C LEU B 117 -17.56 4.42 11.94
N VAL B 118 -18.69 5.08 11.69
CA VAL B 118 -19.86 4.99 12.53
C VAL B 118 -21.02 4.44 11.69
N ALA B 119 -21.67 3.42 12.23
CA ALA B 119 -22.80 2.79 11.56
C ALA B 119 -24.08 2.90 12.42
N PRO C 15 -17.09 -9.35 7.80
CA PRO C 15 -17.68 -9.95 9.02
C PRO C 15 -16.95 -9.48 10.29
N GLN C 16 -16.88 -10.34 11.32
CA GLN C 16 -16.29 -9.91 12.58
C GLN C 16 -14.79 -9.64 12.45
N ASN C 17 -14.40 -8.43 12.87
CA ASN C 17 -13.03 -7.95 12.73
C ASN C 17 -12.22 -7.94 14.04
N TYR C 18 -11.28 -8.91 14.18
CA TYR C 18 -10.46 -9.00 15.38
C TYR C 18 -9.00 -8.69 15.06
N LEU C 19 -8.26 -8.28 16.08
CA LEU C 19 -6.84 -8.03 15.93
C LEU C 19 -6.10 -9.37 15.91
N PHE C 20 -4.97 -9.38 15.22
CA PHE C 20 -4.08 -10.53 15.18
C PHE C 20 -2.65 -10.01 15.13
N GLY C 21 -1.77 -10.68 15.88
CA GLY C 21 -0.36 -10.36 15.86
C GLY C 21 0.48 -11.54 16.31
N CYS C 22 1.71 -11.61 15.83
CA CYS C 22 2.62 -12.69 16.19
C CYS C 22 4.06 -12.22 15.99
N GLU C 23 4.99 -12.99 16.57
CA GLU C 23 6.40 -12.65 16.56
C GLU C 23 7.17 -13.84 15.98
N LEU C 24 8.10 -13.54 15.08
CA LEU C 24 8.91 -14.54 14.41
C LEU C 24 10.39 -14.27 14.69
N LYS C 25 11.17 -15.34 14.84
CA LYS C 25 12.61 -15.26 14.98
C LYS C 25 13.26 -16.38 14.20
N ALA C 26 14.59 -16.40 14.18
CA ALA C 26 15.36 -17.43 13.50
C ALA C 26 15.01 -18.82 14.05
N ASP C 27 14.85 -18.92 15.38
CA ASP C 27 14.57 -20.18 16.02
C ASP C 27 13.11 -20.27 16.48
N LYS C 28 12.20 -19.53 15.84
CA LYS C 28 10.81 -19.52 16.23
C LYS C 28 9.95 -19.15 15.02
N ASP C 29 9.13 -20.09 14.59
CA ASP C 29 8.09 -19.85 13.59
C ASP C 29 6.72 -19.92 14.26
N TYR C 30 5.71 -19.41 13.57
CA TYR C 30 4.36 -19.32 14.10
C TYR C 30 3.43 -20.15 13.21
N HIS C 31 2.46 -20.81 13.85
CA HIS C 31 1.50 -21.65 13.18
C HIS C 31 0.11 -21.16 13.54
N PHE C 32 -0.75 -20.99 12.53
CA PHE C 32 -2.12 -20.54 12.71
C PHE C 32 -3.04 -21.71 12.37
N LYS C 33 -3.76 -22.19 13.41
CA LYS C 33 -4.93 -23.04 13.23
C LYS C 33 -6.15 -22.35 13.83
N VAL C 34 -7.33 -22.85 13.49
CA VAL C 34 -8.58 -22.33 14.04
C VAL C 34 -9.26 -23.37 14.94
N GLU C 40 -16.53 -19.45 9.05
CA GLU C 40 -15.39 -19.29 8.10
C GLU C 40 -14.39 -18.33 8.71
N HIS C 41 -13.11 -18.68 8.57
CA HIS C 41 -12.02 -17.91 9.18
C HIS C 41 -11.00 -17.52 8.12
N GLN C 42 -10.45 -16.31 8.26
CA GLN C 42 -9.47 -15.79 7.31
C GLN C 42 -8.46 -14.93 8.06
N LEU C 43 -7.25 -14.84 7.51
CA LEU C 43 -6.19 -14.03 8.08
C LEU C 43 -5.77 -12.97 7.07
N SER C 44 -6.09 -11.70 7.35
CA SER C 44 -5.70 -10.58 6.51
C SER C 44 -4.46 -9.89 7.09
N LEU C 45 -3.29 -10.41 6.72
CA LEU C 45 -2.03 -9.83 7.16
C LEU C 45 -1.96 -8.39 6.63
N ARG C 46 -1.55 -7.45 7.50
CA ARG C 46 -1.54 -6.03 7.17
C ARG C 46 -0.10 -5.51 7.11
N THR C 47 0.67 -5.68 8.19
CA THR C 47 1.99 -5.09 8.26
C THR C 47 3.01 -6.08 8.79
N VAL C 48 4.24 -5.95 8.29
CA VAL C 48 5.39 -6.72 8.77
C VAL C 48 6.46 -5.72 9.17
N SER C 49 6.91 -5.80 10.43
CA SER C 49 7.77 -4.80 11.03
C SER C 49 9.00 -5.45 11.64
N LEU C 50 10.08 -4.68 11.71
CA LEU C 50 11.33 -5.12 12.33
C LEU C 50 11.32 -4.69 13.81
N GLY C 51 11.81 -5.58 14.66
CA GLY C 51 11.84 -5.31 16.09
C GLY C 51 13.05 -4.48 16.52
N ALA C 52 13.09 -4.14 17.80
CA ALA C 52 14.15 -3.30 18.34
C ALA C 52 15.49 -4.01 18.25
N GLY C 53 15.50 -5.32 18.54
CA GLY C 53 16.71 -6.12 18.50
C GLY C 53 17.09 -6.54 17.10
N ASP C 56 20.90 -5.44 10.94
CA ASP C 56 21.59 -4.89 9.74
C ASP C 56 21.65 -5.93 8.63
N GLU C 57 21.43 -7.21 8.98
CA GLU C 57 21.37 -8.26 7.97
C GLU C 57 20.01 -8.19 7.25
N LEU C 58 19.93 -8.87 6.11
CA LEU C 58 18.68 -9.01 5.38
C LEU C 58 17.69 -9.83 6.20
N HIS C 59 16.41 -9.50 6.10
CA HIS C 59 15.34 -10.28 6.71
C HIS C 59 14.34 -10.70 5.65
N ILE C 60 13.94 -11.97 5.66
CA ILE C 60 12.92 -12.47 4.75
C ILE C 60 11.85 -13.18 5.58
N VAL C 61 10.61 -12.74 5.39
CA VAL C 61 9.46 -13.32 6.05
C VAL C 61 8.69 -14.10 4.99
N GLU C 62 8.39 -15.37 5.31
CA GLU C 62 7.72 -16.27 4.40
C GLU C 62 6.45 -16.82 5.05
N ALA C 63 5.45 -17.14 4.23
CA ALA C 63 4.22 -17.79 4.68
C ALA C 63 3.93 -18.97 3.75
N GLU C 64 3.52 -20.09 4.36
CA GLU C 64 3.11 -21.26 3.60
C GLU C 64 1.69 -21.64 3.99
N ALA C 65 0.89 -21.94 2.95
CA ALA C 65 -0.49 -22.34 3.10
C ALA C 65 -0.88 -23.23 1.92
N MET C 66 -2.18 -23.43 1.75
CA MET C 66 -2.70 -24.31 0.70
C MET C 66 -2.61 -23.63 -0.67
N ASN C 67 -2.34 -24.43 -1.71
CA ASN C 67 -2.42 -23.99 -3.09
C ASN C 67 -3.72 -24.50 -3.70
N TYR C 68 -3.94 -24.20 -4.99
CA TYR C 68 -5.16 -24.64 -5.65
C TYR C 68 -5.20 -26.15 -5.83
N GLU C 69 -4.03 -26.75 -6.11
CA GLU C 69 -3.90 -28.20 -6.26
C GLU C 69 -3.83 -28.91 -4.90
N GLY C 70 -3.94 -28.18 -3.79
CA GLY C 70 -3.86 -28.76 -2.47
C GLY C 70 -2.44 -29.11 -2.04
N SER C 71 -1.44 -28.53 -2.70
CA SER C 71 -0.05 -28.79 -2.38
C SER C 71 0.53 -27.61 -1.60
N PRO C 72 0.80 -27.77 -0.29
CA PRO C 72 1.39 -26.68 0.48
C PRO C 72 2.60 -26.02 -0.19
N ILE C 73 2.49 -24.70 -0.38
CA ILE C 73 3.51 -23.92 -1.05
C ILE C 73 3.89 -22.74 -0.16
N LYS C 74 5.16 -22.37 -0.20
CA LYS C 74 5.71 -21.29 0.61
C LYS C 74 5.96 -20.08 -0.28
N VAL C 75 5.44 -18.92 0.17
CA VAL C 75 5.57 -17.68 -0.58
C VAL C 75 6.23 -16.61 0.29
N THR C 76 7.23 -15.94 -0.24
CA THR C 76 7.96 -14.94 0.53
C THR C 76 7.04 -13.75 0.80
N LEU C 77 6.61 -13.59 2.06
CA LEU C 77 5.69 -12.51 2.43
C LEU C 77 6.33 -11.15 2.19
N ALA C 78 7.61 -10.98 2.59
CA ALA C 78 8.26 -9.70 2.42
C ALA C 78 9.75 -9.83 2.67
N THR C 79 10.49 -8.81 2.22
CA THR C 79 11.89 -8.67 2.53
C THR C 79 12.11 -7.31 3.20
N LEU C 80 12.70 -7.32 4.41
CA LEU C 80 12.91 -6.11 5.18
C LEU C 80 14.39 -5.95 5.50
N LYS C 81 14.82 -4.70 5.72
CA LYS C 81 16.14 -4.41 6.26
C LYS C 81 16.09 -3.09 7.04
N MET C 82 16.65 -3.09 8.25
CA MET C 82 16.51 -1.96 9.17
C MET C 82 16.99 -0.66 8.52
N SER C 83 18.23 -0.70 8.00
CA SER C 83 18.87 0.45 7.37
C SER C 83 18.25 0.92 6.05
N VAL C 84 17.37 0.14 5.42
CA VAL C 84 16.80 0.50 4.12
C VAL C 84 15.31 0.79 4.26
N GLN C 85 14.54 -0.18 4.77
CA GLN C 85 13.15 0.05 5.12
C GLN C 85 12.67 -1.07 6.03
N PRO C 86 12.26 -0.77 7.28
CA PRO C 86 11.90 -1.82 8.23
C PRO C 86 10.46 -2.33 8.17
N THR C 87 9.56 -1.56 7.53
CA THR C 87 8.14 -1.88 7.59
C THR C 87 7.59 -2.09 6.18
N VAL C 88 6.74 -3.12 6.03
CA VAL C 88 6.06 -3.40 4.78
C VAL C 88 4.58 -3.61 5.07
N SER C 89 3.73 -3.00 4.24
CA SER C 89 2.29 -3.11 4.42
C SER C 89 1.70 -3.99 3.31
N LEU C 90 1.10 -5.13 3.68
CA LEU C 90 0.46 -6.04 2.74
C LEU C 90 -1.02 -5.72 2.61
N GLY C 91 -1.49 -4.64 3.20
CA GLY C 91 -2.85 -4.14 3.02
C GLY C 91 -3.94 -5.20 3.17
N GLY C 92 -3.72 -6.17 4.07
CA GLY C 92 -4.69 -7.19 4.35
C GLY C 92 -4.49 -8.48 3.57
N PHE C 93 -3.29 -8.71 2.96
CA PHE C 93 -2.98 -9.95 2.27
C PHE C 93 -3.78 -11.09 2.91
N GLU C 94 -4.84 -11.55 2.23
CA GLU C 94 -5.72 -12.57 2.78
C GLU C 94 -5.13 -13.96 2.56
N ILE C 95 -5.11 -14.79 3.63
CA ILE C 95 -4.62 -16.15 3.59
C ILE C 95 -5.56 -17.03 4.40
N THR C 96 -6.06 -18.14 3.83
CA THR C 96 -6.98 -19.02 4.52
C THR C 96 -6.20 -19.92 5.48
N PRO C 97 -6.63 -20.07 6.74
CA PRO C 97 -5.92 -20.96 7.67
C PRO C 97 -6.19 -22.41 7.30
N PRO C 98 -5.33 -23.37 7.70
CA PRO C 98 -4.17 -23.10 8.55
C PRO C 98 -2.99 -22.51 7.77
N VAL C 99 -2.13 -21.74 8.45
CA VAL C 99 -1.00 -21.12 7.81
C VAL C 99 0.23 -21.31 8.67
N VAL C 100 1.42 -21.23 8.07
CA VAL C 100 2.66 -21.23 8.84
C VAL C 100 3.52 -20.07 8.37
N LEU C 101 3.92 -19.22 9.31
CA LEU C 101 4.77 -18.08 9.03
C LEU C 101 6.14 -18.34 9.63
N ARG C 102 7.18 -17.98 8.87
CA ARG C 102 8.54 -18.31 9.25
C ARG C 102 9.51 -17.28 8.69
N LEU C 103 10.76 -17.35 9.16
CA LEU C 103 11.83 -16.47 8.72
C LEU C 103 12.86 -17.28 7.95
N LYS C 104 12.97 -17.04 6.64
CA LYS C 104 13.98 -17.69 5.82
C LYS C 104 15.37 -17.26 6.27
N CYS C 105 15.54 -15.96 6.55
CA CYS C 105 16.80 -15.41 7.03
C CYS C 105 16.51 -14.34 8.06
N GLY C 106 17.58 -13.87 8.73
CA GLY C 106 17.45 -12.83 9.73
C GLY C 106 17.24 -13.41 11.12
N SER C 107 17.96 -12.85 12.11
CA SER C 107 17.90 -13.32 13.47
C SER C 107 16.61 -12.85 14.16
N GLY C 108 15.91 -11.87 13.57
CA GLY C 108 14.71 -11.30 14.18
C GLY C 108 15.08 -10.33 15.29
N PRO C 109 14.13 -9.92 16.15
CA PRO C 109 12.72 -10.33 16.08
C PRO C 109 11.93 -9.58 14.99
N VAL C 110 10.86 -10.20 14.51
CA VAL C 110 10.05 -9.61 13.44
C VAL C 110 8.59 -9.75 13.82
N HIS C 111 7.84 -8.65 13.75
CA HIS C 111 6.45 -8.63 14.16
C HIS C 111 5.55 -8.68 12.92
N ILE C 112 4.58 -9.59 12.92
CA ILE C 112 3.54 -9.65 11.89
C ILE C 112 2.23 -9.27 12.55
N SER C 113 1.48 -8.35 11.94
CA SER C 113 0.21 -7.87 12.45
C SER C 113 -0.85 -7.94 11.35
N GLY C 114 -2.11 -7.89 11.77
CA GLY C 114 -3.17 -7.96 10.79
C GLY C 114 -4.52 -8.23 11.40
N GLN C 115 -5.47 -8.62 10.55
CA GLN C 115 -6.83 -8.90 10.97
C GLN C 115 -7.09 -10.41 11.02
N HIS C 116 -8.04 -10.77 11.88
CA HIS C 116 -8.59 -12.10 11.93
C HIS C 116 -10.08 -11.97 11.63
N LEU C 117 -10.51 -12.52 10.49
CA LEU C 117 -11.89 -12.40 10.04
C LEU C 117 -12.65 -13.68 10.37
N VAL C 118 -13.74 -13.51 11.11
CA VAL C 118 -14.60 -14.62 11.50
C VAL C 118 -16.00 -14.32 11.01
N ALA C 119 -16.60 -15.27 10.29
CA ALA C 119 -17.97 -15.16 9.81
C ALA C 119 -18.83 -16.22 10.48
N VAL C 120 -19.94 -15.78 11.08
CA VAL C 120 -20.86 -16.69 11.73
C VAL C 120 -21.71 -17.38 10.66
N PRO D 15 -15.97 -15.66 -3.30
CA PRO D 15 -15.01 -16.40 -4.16
C PRO D 15 -13.88 -16.99 -3.34
N GLN D 16 -13.56 -18.28 -3.61
CA GLN D 16 -12.53 -18.97 -2.86
C GLN D 16 -11.16 -18.37 -3.14
N ASN D 17 -10.35 -18.28 -2.08
CA ASN D 17 -9.03 -17.69 -2.13
C ASN D 17 -7.99 -18.74 -1.76
N TYR D 18 -6.91 -18.78 -2.52
CA TYR D 18 -5.75 -19.61 -2.23
C TYR D 18 -4.49 -18.77 -2.30
N LEU D 19 -3.45 -19.22 -1.59
CA LEU D 19 -2.15 -18.56 -1.63
C LEU D 19 -1.45 -18.96 -2.91
N PHE D 20 -0.72 -17.99 -3.47
CA PHE D 20 0.07 -18.21 -4.67
C PHE D 20 1.43 -17.57 -4.51
N GLY D 21 2.45 -18.26 -5.01
CA GLY D 21 3.80 -17.75 -4.98
C GLY D 21 4.65 -18.39 -6.07
N CYS D 22 5.65 -17.63 -6.51
CA CYS D 22 6.60 -18.10 -7.50
C CYS D 22 7.91 -17.34 -7.36
N GLU D 23 8.96 -17.93 -7.93
CA GLU D 23 10.29 -17.36 -7.89
C GLU D 23 10.76 -17.17 -9.33
N LEU D 24 11.23 -15.96 -9.64
CA LEU D 24 11.62 -15.59 -11.00
C LEU D 24 13.10 -15.22 -10.98
N LYS D 25 13.85 -15.71 -11.97
CA LYS D 25 15.26 -15.43 -12.12
C LYS D 25 15.54 -14.95 -13.53
N ALA D 26 16.81 -14.65 -13.81
CA ALA D 26 17.22 -14.14 -15.11
C ALA D 26 16.86 -15.12 -16.22
N ASP D 27 17.05 -16.42 -15.96
CA ASP D 27 16.88 -17.46 -16.96
C ASP D 27 15.62 -18.28 -16.68
N LYS D 28 14.58 -17.67 -16.11
CA LYS D 28 13.37 -18.39 -15.78
C LYS D 28 12.21 -17.41 -15.67
N ASP D 29 11.12 -17.70 -16.39
CA ASP D 29 9.88 -16.94 -16.30
C ASP D 29 8.77 -17.86 -15.78
N TYR D 30 7.67 -17.25 -15.35
CA TYR D 30 6.54 -18.00 -14.81
C TYR D 30 5.33 -17.84 -15.70
N HIS D 31 4.68 -18.97 -16.02
CA HIS D 31 3.52 -18.99 -16.88
C HIS D 31 2.33 -19.49 -16.06
N PHE D 32 1.54 -18.54 -15.57
CA PHE D 32 0.34 -18.88 -14.81
C PHE D 32 -0.79 -19.23 -15.78
N LYS D 33 -1.16 -20.51 -15.78
CA LYS D 33 -2.17 -21.04 -16.69
C LYS D 33 -3.23 -21.77 -15.89
N VAL D 34 -4.45 -21.81 -16.45
CA VAL D 34 -5.59 -22.38 -15.77
C VAL D 34 -6.38 -23.23 -16.77
N ASP D 35 -6.95 -24.33 -16.31
CA ASP D 35 -7.76 -25.20 -17.16
C ASP D 35 -9.08 -24.50 -17.53
N GLU D 40 -14.41 -18.92 -13.51
CA GLU D 40 -13.62 -17.67 -13.61
C GLU D 40 -12.49 -17.71 -12.57
N HIS D 41 -11.29 -17.31 -12.99
CA HIS D 41 -10.12 -17.26 -12.14
C HIS D 41 -9.47 -15.89 -12.25
N GLN D 42 -8.74 -15.50 -11.19
CA GLN D 42 -8.07 -14.22 -11.12
C GLN D 42 -6.80 -14.36 -10.29
N LEU D 43 -5.76 -13.60 -10.62
CA LEU D 43 -4.51 -13.62 -9.86
C LEU D 43 -4.11 -12.20 -9.49
N SER D 44 -4.19 -11.82 -8.22
CA SER D 44 -3.75 -10.50 -7.76
C SER D 44 -2.44 -10.60 -6.98
N LEU D 45 -1.46 -9.74 -7.31
CA LEU D 45 -0.13 -9.79 -6.71
C LEU D 45 -0.13 -8.87 -5.49
N ARG D 46 0.23 -9.42 -4.33
CA ARG D 46 0.29 -8.66 -3.09
C ARG D 46 1.53 -7.80 -3.07
N THR D 47 2.71 -8.42 -3.18
CA THR D 47 4.00 -7.73 -3.18
C THR D 47 5.02 -8.50 -4.01
N VAL D 48 6.14 -7.85 -4.35
CA VAL D 48 7.29 -8.46 -5.01
C VAL D 48 8.51 -8.23 -4.13
N SER D 49 9.28 -9.30 -3.83
CA SER D 49 10.38 -9.23 -2.88
C SER D 49 11.70 -9.66 -3.52
N LEU D 50 12.80 -9.10 -3.02
CA LEU D 50 14.12 -9.45 -3.50
C LEU D 50 14.70 -10.58 -2.64
N GLY D 51 15.40 -11.49 -3.31
CA GLY D 51 16.05 -12.60 -2.63
C GLY D 51 17.34 -12.18 -1.94
N ALA D 52 17.80 -13.02 -1.01
CA ALA D 52 19.04 -12.77 -0.28
C ALA D 52 20.24 -12.75 -1.23
N GLY D 53 20.25 -13.67 -2.19
CA GLY D 53 21.40 -13.86 -3.07
C GLY D 53 21.45 -12.88 -4.24
N ALA D 54 20.45 -12.00 -4.38
CA ALA D 54 20.41 -11.07 -5.50
C ALA D 54 21.57 -10.09 -5.39
N LYS D 55 22.25 -9.84 -6.52
CA LYS D 55 23.36 -8.93 -6.54
C LYS D 55 22.86 -7.48 -6.42
N ASP D 56 23.80 -6.55 -6.24
CA ASP D 56 23.47 -5.15 -6.03
C ASP D 56 23.29 -4.45 -7.37
N GLU D 57 22.12 -4.66 -7.98
CA GLU D 57 21.74 -3.96 -9.20
C GLU D 57 20.22 -3.96 -9.32
N LEU D 58 19.72 -3.15 -10.26
CA LEU D 58 18.28 -2.95 -10.42
C LEU D 58 17.58 -4.24 -10.80
N HIS D 59 16.31 -4.34 -10.42
CA HIS D 59 15.44 -5.43 -10.84
C HIS D 59 14.13 -4.84 -11.33
N ILE D 60 13.60 -5.35 -12.44
CA ILE D 60 12.34 -4.86 -13.00
C ILE D 60 11.49 -6.05 -13.36
N VAL D 61 10.24 -6.05 -12.87
CA VAL D 61 9.33 -7.16 -13.08
C VAL D 61 8.29 -6.75 -14.11
N GLU D 62 8.02 -7.65 -15.06
CA GLU D 62 7.04 -7.43 -16.10
C GLU D 62 5.95 -8.51 -16.03
N ALA D 63 4.71 -8.06 -16.27
CA ALA D 63 3.58 -8.96 -16.39
C ALA D 63 2.95 -8.81 -17.77
N GLU D 64 2.69 -9.93 -18.44
CA GLU D 64 2.05 -9.96 -19.74
C GLU D 64 0.70 -10.66 -19.61
N ALA D 65 -0.34 -9.99 -20.10
CA ALA D 65 -1.70 -10.48 -20.02
C ALA D 65 -2.49 -9.94 -21.21
N MET D 66 -3.83 -10.04 -21.13
CA MET D 66 -4.69 -9.65 -22.25
C MET D 66 -5.26 -8.26 -22.00
N ASN D 67 -5.34 -7.47 -23.08
CA ASN D 67 -5.87 -6.11 -23.02
C ASN D 67 -7.27 -6.09 -23.62
N TYR D 68 -7.83 -4.88 -23.76
CA TYR D 68 -9.18 -4.74 -24.28
C TYR D 68 -9.22 -4.99 -25.78
N GLU D 69 -8.14 -4.66 -26.50
CA GLU D 69 -8.12 -4.76 -27.96
C GLU D 69 -7.78 -6.18 -28.44
N GLY D 70 -7.73 -7.15 -27.52
CA GLY D 70 -7.44 -8.54 -27.86
C GLY D 70 -5.99 -8.76 -28.28
N SER D 71 -5.08 -7.90 -27.80
CA SER D 71 -3.67 -7.96 -28.15
C SER D 71 -2.83 -8.08 -26.88
N PRO D 72 -1.94 -9.08 -26.77
CA PRO D 72 -1.11 -9.20 -25.57
C PRO D 72 -0.20 -7.99 -25.41
N ILE D 73 -0.01 -7.57 -24.15
CA ILE D 73 0.76 -6.38 -23.83
C ILE D 73 1.73 -6.67 -22.69
N LYS D 74 2.76 -5.83 -22.60
CA LYS D 74 3.75 -5.88 -21.53
C LYS D 74 3.61 -4.64 -20.66
N VAL D 75 3.61 -4.85 -19.34
CA VAL D 75 3.65 -3.78 -18.36
C VAL D 75 4.74 -4.11 -17.34
N THR D 76 5.32 -3.05 -16.77
CA THR D 76 6.28 -3.18 -15.69
C THR D 76 5.54 -3.19 -14.35
N LEU D 77 5.54 -4.35 -13.68
CA LEU D 77 4.83 -4.49 -12.41
C LEU D 77 5.48 -3.63 -11.34
N ALA D 78 6.81 -3.67 -11.25
CA ALA D 78 7.51 -2.92 -10.21
C ALA D 78 9.00 -2.89 -10.51
N THR D 79 9.68 -1.93 -9.88
CA THR D 79 11.12 -1.82 -9.94
C THR D 79 11.66 -1.89 -8.51
N LEU D 80 12.51 -2.90 -8.26
CA LEU D 80 13.04 -3.15 -6.93
C LEU D 80 14.56 -3.00 -6.93
N LYS D 81 15.10 -2.53 -5.81
CA LYS D 81 16.55 -2.49 -5.63
C LYS D 81 16.91 -2.84 -4.18
N MET D 82 17.95 -3.66 -4.03
CA MET D 82 18.33 -4.18 -2.70
C MET D 82 18.56 -3.01 -1.73
N SER D 83 19.43 -2.08 -2.12
CA SER D 83 19.81 -0.93 -1.31
C SER D 83 18.72 0.15 -1.13
N VAL D 84 17.60 0.09 -1.87
CA VAL D 84 16.62 1.16 -1.84
C VAL D 84 15.28 0.64 -1.33
N GLN D 85 14.73 -0.35 -2.03
CA GLN D 85 13.41 -0.87 -1.71
C GLN D 85 13.37 -2.37 -2.02
N PRO D 86 13.74 -3.20 -1.04
CA PRO D 86 13.74 -4.65 -1.25
C PRO D 86 12.36 -5.23 -1.57
N THR D 87 11.29 -4.64 -1.04
CA THR D 87 9.95 -5.15 -1.28
C THR D 87 9.03 -4.01 -1.73
N VAL D 88 8.22 -4.26 -2.77
CA VAL D 88 7.30 -3.27 -3.28
C VAL D 88 5.92 -3.93 -3.40
N SER D 89 4.97 -3.54 -2.53
CA SER D 89 3.64 -4.12 -2.48
C SER D 89 2.72 -3.45 -3.49
N LEU D 90 2.09 -4.26 -4.35
CA LEU D 90 1.10 -3.75 -5.29
C LEU D 90 -0.30 -3.82 -4.69
N GLY D 91 -0.40 -4.27 -3.43
CA GLY D 91 -1.66 -4.35 -2.72
C GLY D 91 -2.77 -5.04 -3.52
N GLY D 92 -2.37 -6.08 -4.26
CA GLY D 92 -3.32 -6.85 -5.06
C GLY D 92 -3.46 -6.30 -6.48
N PHE D 93 -2.49 -6.63 -7.35
CA PHE D 93 -2.53 -6.23 -8.75
C PHE D 93 -3.34 -7.27 -9.51
N GLU D 94 -4.67 -7.15 -9.56
CA GLU D 94 -5.56 -8.14 -10.17
C GLU D 94 -5.30 -8.29 -11.68
N ILE D 95 -5.26 -9.53 -12.18
CA ILE D 95 -5.00 -9.86 -13.58
C ILE D 95 -5.79 -11.12 -13.92
N THR D 96 -6.36 -11.17 -15.13
CA THR D 96 -7.06 -12.35 -15.58
C THR D 96 -6.05 -13.31 -16.24
N PRO D 97 -6.02 -14.60 -15.85
CA PRO D 97 -5.13 -15.55 -16.50
C PRO D 97 -5.60 -15.84 -17.92
N PRO D 98 -4.72 -16.30 -18.84
CA PRO D 98 -3.32 -16.65 -18.53
C PRO D 98 -2.41 -15.44 -18.34
N VAL D 99 -1.33 -15.63 -17.59
CA VAL D 99 -0.44 -14.55 -17.21
C VAL D 99 1.00 -15.03 -17.42
N VAL D 100 1.88 -14.08 -17.73
CA VAL D 100 3.30 -14.36 -17.81
C VAL D 100 4.05 -13.36 -16.94
N LEU D 101 4.90 -13.87 -16.04
CA LEU D 101 5.73 -13.03 -15.20
C LEU D 101 7.18 -13.21 -15.61
N ARG D 102 7.90 -12.09 -15.73
CA ARG D 102 9.28 -12.12 -16.19
C ARG D 102 10.08 -11.02 -15.52
N LEU D 103 11.41 -11.15 -15.56
CA LEU D 103 12.33 -10.10 -15.19
C LEU D 103 13.08 -9.73 -16.46
N LYS D 104 13.30 -8.44 -16.72
CA LYS D 104 14.15 -8.02 -17.83
C LYS D 104 15.62 -7.82 -17.43
N CYS D 105 15.86 -7.61 -16.13
CA CYS D 105 17.21 -7.49 -15.60
C CYS D 105 17.27 -8.09 -14.19
N GLY D 106 18.48 -8.12 -13.63
CA GLY D 106 18.71 -8.66 -12.30
C GLY D 106 18.88 -10.18 -12.33
N SER D 107 19.91 -10.68 -11.65
CA SER D 107 20.18 -12.11 -11.59
C SER D 107 19.12 -12.84 -10.76
N GLY D 108 18.39 -12.13 -9.91
CA GLY D 108 17.40 -12.74 -9.06
C GLY D 108 18.04 -13.42 -7.86
N PRO D 109 17.30 -14.26 -7.10
CA PRO D 109 15.88 -14.52 -7.33
C PRO D 109 14.96 -13.41 -6.84
N VAL D 110 13.74 -13.36 -7.40
CA VAL D 110 12.72 -12.42 -6.99
C VAL D 110 11.44 -13.21 -6.74
N HIS D 111 10.77 -12.95 -5.60
CA HIS D 111 9.61 -13.72 -5.21
C HIS D 111 8.33 -12.91 -5.38
N ILE D 112 7.42 -13.38 -6.27
CA ILE D 112 6.13 -12.72 -6.44
C ILE D 112 5.07 -13.44 -5.62
N SER D 113 4.53 -12.77 -4.58
CA SER D 113 3.53 -13.37 -3.71
C SER D 113 2.14 -12.79 -4.01
N GLY D 114 1.19 -13.62 -4.42
CA GLY D 114 -0.13 -13.13 -4.77
C GLY D 114 -1.24 -14.01 -4.21
N GLN D 115 -2.47 -13.79 -4.67
CA GLN D 115 -3.61 -14.57 -4.22
C GLN D 115 -4.37 -15.09 -5.44
N HIS D 116 -4.70 -16.39 -5.47
CA HIS D 116 -5.41 -16.99 -6.59
C HIS D 116 -6.89 -17.11 -6.22
N LEU D 117 -7.73 -16.35 -6.91
CA LEU D 117 -9.14 -16.28 -6.59
C LEU D 117 -9.92 -17.07 -7.64
N VAL D 118 -10.68 -18.07 -7.18
CA VAL D 118 -11.49 -18.90 -8.05
C VAL D 118 -12.94 -18.82 -7.57
N ALA D 119 -13.84 -18.48 -8.49
CA ALA D 119 -15.26 -18.37 -8.19
C ALA D 119 -16.08 -19.50 -8.84
N PRO E 15 -17.02 -6.69 -13.32
CA PRO E 15 -16.61 -6.13 -14.62
C PRO E 15 -15.54 -6.99 -15.30
N GLN E 16 -15.06 -6.50 -16.44
CA GLN E 16 -13.97 -7.16 -17.16
C GLN E 16 -12.65 -6.51 -16.78
N ASN E 17 -11.70 -7.35 -16.35
CA ASN E 17 -10.38 -6.89 -15.91
C ASN E 17 -9.31 -7.13 -16.97
N TYR E 18 -8.70 -6.03 -17.45
CA TYR E 18 -7.64 -6.14 -18.46
C TYR E 18 -6.39 -5.43 -18.00
N LEU E 19 -5.24 -5.97 -18.38
CA LEU E 19 -3.97 -5.36 -18.02
C LEU E 19 -3.73 -4.15 -18.93
N PHE E 20 -3.15 -3.10 -18.35
CA PHE E 20 -2.84 -1.89 -19.08
C PHE E 20 -1.47 -1.39 -18.65
N GLY E 21 -0.71 -0.89 -19.62
CA GLY E 21 0.60 -0.35 -19.33
C GLY E 21 1.04 0.63 -20.41
N CYS E 22 1.92 1.54 -20.01
CA CYS E 22 2.46 2.54 -20.92
C CYS E 22 3.79 3.05 -20.38
N GLU E 23 4.56 3.68 -21.26
CA GLU E 23 5.85 4.25 -20.92
C GLU E 23 5.83 5.74 -21.26
N LEU E 24 6.27 6.56 -20.29
CA LEU E 24 6.26 8.01 -20.44
C LEU E 24 7.70 8.52 -20.44
N LYS E 25 7.96 9.46 -21.34
CA LYS E 25 9.24 10.15 -21.44
C LYS E 25 8.99 11.65 -21.43
N ALA E 26 10.07 12.44 -21.48
CA ALA E 26 9.96 13.89 -21.45
C ALA E 26 9.17 14.37 -22.67
N ASP E 27 9.43 13.77 -23.83
CA ASP E 27 8.83 14.21 -25.09
C ASP E 27 7.72 13.25 -25.53
N LYS E 28 7.20 12.41 -24.63
CA LYS E 28 6.16 11.46 -25.00
C LYS E 28 5.09 11.45 -23.91
N ASP E 29 3.91 11.94 -24.27
CA ASP E 29 2.70 11.83 -23.47
C ASP E 29 1.96 10.52 -23.78
N TYR E 30 0.91 10.23 -23.01
CA TYR E 30 0.03 9.13 -23.33
C TYR E 30 -1.41 9.60 -23.15
N HIS E 31 -2.22 9.34 -24.17
CA HIS E 31 -3.63 9.70 -24.14
C HIS E 31 -4.46 8.43 -24.10
N PHE E 32 -5.29 8.32 -23.06
CA PHE E 32 -6.21 7.21 -22.90
C PHE E 32 -7.60 7.64 -23.34
N LYS E 33 -8.06 7.07 -24.46
CA LYS E 33 -9.39 7.34 -24.99
C LYS E 33 -10.04 6.01 -25.37
N VAL E 34 -11.38 6.00 -25.31
CA VAL E 34 -12.16 4.82 -25.66
C VAL E 34 -13.39 5.23 -26.46
N ASN E 39 -21.47 1.14 -22.88
CA ASN E 39 -20.18 0.62 -22.34
C ASN E 39 -19.57 1.66 -21.39
N GLU E 40 -19.11 1.17 -20.23
CA GLU E 40 -18.48 2.02 -19.22
C GLU E 40 -17.03 1.60 -19.07
N HIS E 41 -16.11 2.59 -19.08
CA HIS E 41 -14.69 2.32 -19.00
C HIS E 41 -14.08 3.08 -17.82
N GLN E 42 -13.13 2.45 -17.14
CA GLN E 42 -12.38 3.08 -16.07
C GLN E 42 -10.91 2.67 -16.17
N LEU E 43 -10.01 3.51 -15.67
CA LEU E 43 -8.60 3.23 -15.64
C LEU E 43 -8.10 3.24 -14.19
N SER E 44 -7.75 2.06 -13.69
CA SER E 44 -7.31 1.88 -12.31
C SER E 44 -5.80 1.73 -12.28
N LEU E 45 -5.10 2.85 -12.14
CA LEU E 45 -3.65 2.83 -11.98
C LEU E 45 -3.34 2.12 -10.68
N ARG E 46 -2.23 1.38 -10.66
CA ARG E 46 -1.69 0.73 -9.46
C ARG E 46 -0.20 1.02 -9.25
N THR E 47 0.62 0.96 -10.31
CA THR E 47 2.05 1.18 -10.13
C THR E 47 2.65 2.19 -11.10
N VAL E 48 3.59 2.98 -10.58
CA VAL E 48 4.39 3.89 -11.38
C VAL E 48 5.85 3.64 -11.01
N SER E 49 6.64 3.13 -11.95
CA SER E 49 7.98 2.67 -11.66
C SER E 49 9.00 3.33 -12.57
N LEU E 50 10.18 3.61 -12.02
CA LEU E 50 11.28 4.13 -12.83
C LEU E 50 11.81 3.00 -13.72
N GLY E 51 12.14 3.36 -14.96
CA GLY E 51 12.72 2.42 -15.91
C GLY E 51 14.23 2.28 -15.73
N ALA E 52 14.84 1.47 -16.60
CA ALA E 52 16.28 1.32 -16.62
C ALA E 52 16.94 2.65 -17.02
N LEU E 58 14.81 12.75 -10.09
CA LEU E 58 13.51 13.45 -9.85
C LEU E 58 12.63 13.34 -11.09
N HIS E 59 11.65 12.43 -10.99
CA HIS E 59 10.68 12.22 -12.05
C HIS E 59 9.28 12.32 -11.46
N ILE E 60 8.51 13.29 -11.97
CA ILE E 60 7.16 13.54 -11.47
C ILE E 60 6.17 13.19 -12.57
N VAL E 61 5.16 12.40 -12.21
CA VAL E 61 4.14 11.99 -13.16
C VAL E 61 2.88 12.80 -12.91
N GLU E 62 2.33 13.37 -13.99
CA GLU E 62 1.11 14.14 -13.93
C GLU E 62 -0.01 13.42 -14.70
N ALA E 63 -1.21 13.44 -14.10
CA ALA E 63 -2.41 12.95 -14.75
C ALA E 63 -3.41 14.09 -14.89
N GLU E 64 -3.95 14.23 -16.10
CA GLU E 64 -4.94 15.27 -16.40
C GLU E 64 -6.24 14.59 -16.83
N ALA E 65 -7.32 14.96 -16.14
CA ALA E 65 -8.65 14.44 -16.43
C ALA E 65 -9.67 15.50 -16.01
N MET E 66 -10.94 15.12 -15.97
CA MET E 66 -11.98 16.08 -15.65
C MET E 66 -12.14 16.16 -14.13
N ASN E 67 -12.43 17.36 -13.63
CA ASN E 67 -12.71 17.58 -12.21
C ASN E 67 -14.23 17.60 -11.99
N TYR E 68 -14.68 18.01 -10.81
CA TYR E 68 -16.11 18.00 -10.54
C TYR E 68 -16.82 19.10 -11.33
N GLU E 69 -16.18 20.27 -11.41
CA GLU E 69 -16.82 21.46 -11.98
C GLU E 69 -16.69 21.50 -13.51
N GLY E 70 -15.94 20.58 -14.12
CA GLY E 70 -15.98 20.41 -15.56
C GLY E 70 -14.90 21.20 -16.29
N SER E 71 -13.66 21.12 -15.78
CA SER E 71 -12.51 21.71 -16.45
C SER E 71 -11.32 20.76 -16.33
N PRO E 72 -10.37 20.77 -17.27
CA PRO E 72 -9.13 19.99 -17.10
C PRO E 72 -8.38 20.40 -15.83
N ILE E 73 -7.81 19.39 -15.15
CA ILE E 73 -7.10 19.59 -13.90
C ILE E 73 -5.80 18.81 -13.97
N LYS E 74 -4.70 19.43 -13.53
CA LYS E 74 -3.40 18.77 -13.48
C LYS E 74 -3.07 18.39 -12.04
N VAL E 75 -2.77 17.11 -11.84
CA VAL E 75 -2.39 16.57 -10.54
C VAL E 75 -1.15 15.71 -10.70
N THR E 76 -0.36 15.66 -9.62
CA THR E 76 0.86 14.87 -9.60
C THR E 76 0.52 13.47 -9.10
N LEU E 77 0.64 12.48 -9.98
CA LEU E 77 0.36 11.10 -9.63
C LEU E 77 1.37 10.59 -8.61
N ALA E 78 2.65 10.85 -8.85
CA ALA E 78 3.71 10.35 -7.99
C ALA E 78 5.03 11.01 -8.33
N THR E 79 5.99 10.90 -7.42
CA THR E 79 7.34 11.37 -7.62
C THR E 79 8.30 10.21 -7.35
N LEU E 80 9.17 9.90 -8.32
CA LEU E 80 10.12 8.79 -8.19
C LEU E 80 11.55 9.33 -8.30
N LYS E 81 12.48 8.64 -7.63
CA LYS E 81 13.89 9.02 -7.70
C LYS E 81 14.78 7.77 -7.58
N MET E 82 15.81 7.70 -8.42
CA MET E 82 16.67 6.52 -8.47
C MET E 82 17.24 6.18 -7.07
N SER E 83 17.85 7.19 -6.45
CA SER E 83 18.47 7.09 -5.13
C SER E 83 17.51 6.85 -3.96
N VAL E 84 16.22 7.20 -4.10
CA VAL E 84 15.33 7.20 -2.94
C VAL E 84 14.21 6.17 -3.12
N GLN E 85 13.42 6.33 -4.17
CA GLN E 85 12.28 5.45 -4.40
C GLN E 85 11.96 5.42 -5.90
N PRO E 86 12.25 4.30 -6.60
CA PRO E 86 11.96 4.20 -8.03
C PRO E 86 10.53 3.80 -8.39
N THR E 87 9.78 3.25 -7.43
CA THR E 87 8.43 2.79 -7.70
C THR E 87 7.49 3.27 -6.60
N VAL E 88 6.25 3.57 -7.00
CA VAL E 88 5.18 3.97 -6.10
C VAL E 88 3.92 3.22 -6.48
N SER E 89 3.21 2.70 -5.48
CA SER E 89 1.97 1.98 -5.70
C SER E 89 0.79 2.88 -5.33
N LEU E 90 -0.10 3.12 -6.29
CA LEU E 90 -1.26 3.98 -6.08
C LEU E 90 -2.43 3.21 -5.45
N GLY E 91 -2.34 1.88 -5.44
CA GLY E 91 -3.34 1.05 -4.80
C GLY E 91 -4.72 1.17 -5.46
N GLY E 92 -4.72 1.38 -6.78
CA GLY E 92 -5.96 1.35 -7.55
C GLY E 92 -6.58 2.74 -7.73
N PHE E 93 -5.73 3.70 -8.13
CA PHE E 93 -6.19 5.05 -8.40
C PHE E 93 -7.14 5.02 -9.60
N GLU E 94 -8.43 5.19 -9.34
CA GLU E 94 -9.44 5.14 -10.38
C GLU E 94 -9.53 6.49 -11.08
N ILE E 95 -9.59 6.46 -12.42
CA ILE E 95 -9.77 7.63 -13.25
C ILE E 95 -10.81 7.31 -14.32
N THR E 96 -11.67 8.30 -14.62
CA THR E 96 -12.65 8.15 -15.68
C THR E 96 -12.05 8.68 -16.97
N PRO E 97 -12.00 7.89 -18.07
CA PRO E 97 -11.39 8.36 -19.30
C PRO E 97 -12.26 9.43 -19.97
N PRO E 98 -11.70 10.28 -20.85
CA PRO E 98 -10.31 10.19 -21.29
C PRO E 98 -9.33 10.75 -20.28
N VAL E 99 -8.07 10.29 -20.36
CA VAL E 99 -7.03 10.74 -19.44
C VAL E 99 -5.78 11.10 -20.23
N VAL E 100 -4.94 11.93 -19.65
CA VAL E 100 -3.66 12.27 -20.23
C VAL E 100 -2.58 12.11 -19.18
N LEU E 101 -1.59 11.24 -19.46
CA LEU E 101 -0.49 11.05 -18.55
C LEU E 101 0.78 11.64 -19.15
N ARG E 102 1.51 12.40 -18.34
CA ARG E 102 2.72 13.07 -18.80
C ARG E 102 3.78 13.10 -17.70
N LEU E 103 4.99 13.51 -18.08
CA LEU E 103 6.09 13.67 -17.14
C LEU E 103 6.35 15.16 -16.96
N LYS E 104 6.20 15.64 -15.72
CA LYS E 104 6.50 17.02 -15.37
C LYS E 104 7.98 17.31 -15.63
N CYS E 105 8.85 16.44 -15.11
CA CYS E 105 10.28 16.64 -15.25
C CYS E 105 10.98 15.29 -15.34
N GLY E 106 12.23 15.31 -15.80
CA GLY E 106 13.02 14.10 -15.95
C GLY E 106 12.78 13.44 -17.30
N SER E 107 13.87 12.97 -17.94
CA SER E 107 13.77 12.35 -19.25
C SER E 107 12.98 11.05 -19.20
N GLY E 108 13.18 10.29 -18.11
CA GLY E 108 12.52 9.00 -17.95
C GLY E 108 13.47 7.86 -18.29
N PRO E 109 12.98 6.68 -18.73
CA PRO E 109 11.54 6.42 -18.89
C PRO E 109 10.84 6.09 -17.58
N VAL E 110 9.51 6.25 -17.56
CA VAL E 110 8.71 5.91 -16.40
C VAL E 110 7.56 5.03 -16.85
N HIS E 111 7.42 3.84 -16.24
CA HIS E 111 6.41 2.89 -16.66
C HIS E 111 5.20 2.97 -15.74
N ILE E 112 4.03 3.14 -16.32
CA ILE E 112 2.76 3.13 -15.62
C ILE E 112 2.05 1.82 -15.98
N SER E 113 1.60 1.11 -14.95
CA SER E 113 0.88 -0.15 -15.12
C SER E 113 -0.36 -0.13 -14.25
N GLY E 114 -1.47 -0.65 -14.77
CA GLY E 114 -2.75 -0.51 -14.11
C GLY E 114 -3.78 -1.44 -14.73
N GLN E 115 -5.03 -1.25 -14.34
CA GLN E 115 -6.12 -2.09 -14.79
C GLN E 115 -7.07 -1.25 -15.63
N HIS E 116 -7.44 -1.79 -16.80
CA HIS E 116 -8.51 -1.23 -17.61
C HIS E 116 -9.78 -2.00 -17.31
N LEU E 117 -10.79 -1.29 -16.77
CA LEU E 117 -12.06 -1.91 -16.42
C LEU E 117 -13.09 -1.59 -17.50
N VAL E 118 -13.68 -2.65 -18.04
CA VAL E 118 -14.69 -2.55 -19.06
C VAL E 118 -15.97 -3.20 -18.54
N ALA E 119 -17.07 -2.45 -18.58
CA ALA E 119 -18.39 -2.95 -18.23
C ALA E 119 -19.27 -2.86 -19.46
N VAL E 120 -19.90 -3.98 -19.83
CA VAL E 120 -20.77 -4.00 -21.01
C VAL E 120 -22.05 -3.20 -20.73
#